data_3OH2
#
_entry.id   3OH2
#
_cell.length_a   107.433
_cell.length_b   121.910
_cell.length_c   61.407
_cell.angle_alpha   90.000
_cell.angle_beta   105.980
_cell.angle_gamma   90.000
#
_symmetry.space_group_name_H-M   'C 1 2 1'
#
loop_
_entity.id
_entity.type
_entity.pdbx_description
1 polymer 'UDP-sugar pyrophosphorylase'
2 non-polymer "GALACTOSE-URIDINE-5'-DIPHOSPHATE"
3 non-polymer GLYCEROL
4 water water
#
_entity_poly.entity_id   1
_entity_poly.type   'polypeptide(L)'
_entity_poly.pdbx_seq_one_letter_code
;MTNPSNSNLQALREELCTPGLDQGHLFEGWPETVDECNERQIALLTDLYMFSNMYPGGVAQYIRNGHELLARESEEVDFA
ALEMPPLIFEAPSLHRRTAERTALENAGTAMLCKTVFVLVAGGLGERLGYSSIKVSLPVETATNTTYLAYYLRWAQRVGG
KEVPFVIMTSDDTHDRTLQLLRELQLEVPNLHVLKQGQVFCFADSAAHLALDETGKLLRKPHGHGDVHSLIYNATVKRDV
VPDSGDGTATAQPLVNDWLAAGYESIVFIQDTNAGATITIPISLALSAEHSLDMNFTCIPRVPKEPIGLLCRTKKNSGDP
WLVANVEYNVFAEVSRALNKDGGDEVSDPTGFSPFPGSVNTLVFKLSSYVDRLRESHGIVPEFINPKYSDETRRSFKKPA
RIESLMQDIALLFSEDDYRVGGTVFERFSYQPVKNSLEEAAGLVAQGNGAYCAATGEAAFYELQRRRLKAIGLPLFYSSQ
PEVTVAKDAFGVRLFPIIVLDTVCASSGSLDDLARVFPTPEKVHIDQHSTLIVEGRVIIESLELYGALTIRGPTDSMALP
HVVRNAVVRNAGWSVHAILSLCAGRDSRLSEVDRIRGFVLKKTAMAVMDCNTKGESEAGAPSGAADPAKLMRRLEHHHHH
H
;
_entity_poly.pdbx_strand_id   A
#
loop_
_chem_comp.id
_chem_comp.type
_chem_comp.name
_chem_comp.formula
GDU non-polymer GALACTOSE-URIDINE-5'-DIPHOSPHATE 'C15 H24 N2 O17 P2'
GOL non-polymer GLYCEROL 'C3 H8 O3'
#
# COMPACT_ATOMS: atom_id res chain seq x y z
N ASN A 3 -21.81 19.03 23.17
CA ASN A 3 -21.76 18.04 24.26
C ASN A 3 -20.69 18.28 25.34
N PRO A 4 -19.84 19.33 25.18
CA PRO A 4 -18.89 19.60 26.26
C PRO A 4 -19.35 20.80 27.10
N SER A 5 -19.32 20.64 28.42
CA SER A 5 -19.66 21.74 29.32
C SER A 5 -19.01 23.03 28.84
N ASN A 6 -19.79 24.10 28.85
CA ASN A 6 -19.26 25.42 28.50
C ASN A 6 -18.12 25.78 29.45
N SER A 7 -18.16 25.19 30.65
CA SER A 7 -17.11 25.42 31.64
C SER A 7 -15.97 24.43 31.44
N ASN A 8 -16.29 23.27 30.88
CA ASN A 8 -15.28 22.26 30.59
C ASN A 8 -14.32 22.74 29.52
N LEU A 9 -14.82 23.61 28.64
CA LEU A 9 -14.00 24.24 27.61
C LEU A 9 -13.07 25.26 28.24
N GLN A 10 -13.59 25.98 29.24
CA GLN A 10 -12.80 26.92 30.00
C GLN A 10 -11.67 26.19 30.75
N ALA A 11 -11.99 25.06 31.37
CA ALA A 11 -11.00 24.23 32.06
C ALA A 11 -9.86 23.73 31.15
N LEU A 12 -10.19 23.41 29.90
CA LEU A 12 -9.18 22.95 28.96
C LEU A 12 -8.27 24.11 28.54
N ARG A 13 -8.90 25.27 28.30
CA ARG A 13 -8.17 26.46 27.94
C ARG A 13 -7.16 26.85 29.04
N GLU A 14 -7.60 26.79 30.29
CA GLU A 14 -6.71 27.10 31.40
C GLU A 14 -5.58 26.08 31.43
N GLU A 15 -5.93 24.81 31.25
CA GLU A 15 -4.92 23.76 31.21
C GLU A 15 -3.84 24.03 30.15
N LEU A 16 -4.28 24.39 28.94
CA LEU A 16 -3.36 24.58 27.83
C LEU A 16 -2.42 25.77 28.00
N CYS A 17 -2.73 26.64 28.96
CA CYS A 17 -1.87 27.79 29.22
C CYS A 17 -0.86 27.52 30.32
N THR A 18 -0.85 26.32 30.88
CA THR A 18 0.04 26.06 32.00
C THR A 18 1.43 25.71 31.51
N PRO A 19 2.43 25.84 32.38
CA PRO A 19 3.81 25.54 32.01
C PRO A 19 3.98 24.11 31.55
N GLY A 20 4.65 23.92 30.42
CA GLY A 20 4.80 22.58 29.88
C GLY A 20 3.78 22.31 28.79
N LEU A 21 2.70 23.08 28.79
CA LEU A 21 1.77 23.04 27.67
C LEU A 21 1.88 24.33 26.86
N ASP A 22 1.75 25.47 27.55
CA ASP A 22 2.08 26.79 26.98
C ASP A 22 1.46 27.10 25.61
N GLN A 23 0.17 26.84 25.45
CA GLN A 23 -0.51 27.13 24.19
C GLN A 23 -1.29 28.46 24.25
N GLY A 24 -0.76 29.43 24.99
CA GLY A 24 -1.39 30.73 25.10
C GLY A 24 -1.60 31.43 23.77
N HIS A 25 -0.64 31.31 22.88
CA HIS A 25 -0.72 31.98 21.58
C HIS A 25 -1.99 31.60 20.84
N LEU A 26 -2.67 30.54 21.29
CA LEU A 26 -3.93 30.14 20.71
C LEU A 26 -5.06 31.08 21.10
N PHE A 27 -4.95 31.66 22.29
CA PHE A 27 -6.05 32.45 22.83
C PHE A 27 -5.70 33.93 22.88
N GLU A 28 -4.78 34.35 22.02
CA GLU A 28 -4.35 35.73 21.98
C GLU A 28 -5.50 36.65 21.64
N GLY A 29 -5.72 37.65 22.49
CA GLY A 29 -6.79 38.60 22.29
C GLY A 29 -8.18 38.03 22.52
N TRP A 30 -8.33 37.21 23.57
CA TRP A 30 -9.62 36.59 23.87
C TRP A 30 -10.25 37.16 25.14
N PRO A 31 -11.58 37.02 25.25
CA PRO A 31 -12.32 37.35 26.47
C PRO A 31 -11.84 36.49 27.63
N GLU A 32 -12.37 36.73 28.82
CA GLU A 32 -11.97 35.96 29.99
C GLU A 32 -12.63 34.59 30.02
N THR A 33 -13.93 34.55 29.76
CA THR A 33 -14.69 33.30 29.82
C THR A 33 -15.25 32.86 28.48
N VAL A 34 -16.06 31.81 28.51
CA VAL A 34 -16.50 31.13 27.30
C VAL A 34 -17.67 31.82 26.61
N ASP A 35 -18.58 32.39 27.39
CA ASP A 35 -19.78 33.01 26.85
C ASP A 35 -19.45 34.09 25.83
N GLU A 36 -18.41 34.86 26.13
CA GLU A 36 -18.07 36.05 25.35
C GLU A 36 -17.35 35.74 24.05
N CYS A 37 -17.19 34.45 23.75
CA CYS A 37 -16.40 34.06 22.59
C CYS A 37 -17.28 33.78 21.38
N ASN A 38 -16.85 34.29 20.22
CA ASN A 38 -17.56 34.02 18.99
C ASN A 38 -17.54 32.54 18.67
N GLU A 39 -18.38 32.11 17.74
CA GLU A 39 -18.44 30.71 17.34
C GLU A 39 -17.09 30.23 16.77
N ARG A 40 -16.37 31.11 16.09
CA ARG A 40 -15.08 30.78 15.51
C ARG A 40 -14.03 30.43 16.58
N GLN A 41 -14.27 30.91 17.79
CA GLN A 41 -13.36 30.70 18.93
C GLN A 41 -13.80 29.48 19.72
N ILE A 42 -15.10 29.30 19.84
CA ILE A 42 -15.65 28.11 20.49
C ILE A 42 -15.43 26.89 19.61
N ALA A 43 -15.32 27.10 18.30
CA ALA A 43 -15.06 26.00 17.39
C ALA A 43 -13.68 25.44 17.69
N LEU A 44 -12.71 26.32 17.82
CA LEU A 44 -11.33 25.93 18.11
C LEU A 44 -11.24 25.25 19.46
N LEU A 45 -11.82 25.88 20.48
CA LEU A 45 -11.76 25.34 21.84
C LEU A 45 -12.50 24.01 21.93
N THR A 46 -13.51 23.83 21.09
CA THR A 46 -14.27 22.60 21.06
C THR A 46 -13.48 21.51 20.33
N ASP A 47 -12.94 21.90 19.18
CA ASP A 47 -12.04 21.08 18.40
C ASP A 47 -10.89 20.53 19.26
N LEU A 48 -10.37 21.38 20.13
CA LEU A 48 -9.30 20.96 21.03
C LEU A 48 -9.85 19.96 22.05
N TYR A 49 -11.07 20.20 22.51
CA TYR A 49 -11.68 19.35 23.53
C TYR A 49 -12.01 17.95 23.02
N MET A 50 -12.51 17.88 21.79
CA MET A 50 -12.98 16.64 21.21
C MET A 50 -11.84 15.68 20.89
N PHE A 51 -10.68 16.24 20.56
CA PHE A 51 -9.51 15.44 20.19
C PHE A 51 -9.29 14.29 21.17
N SER A 52 -9.74 14.48 22.41
CA SER A 52 -9.69 13.43 23.42
C SER A 52 -10.23 12.06 23.00
N ASN A 53 -11.33 12.03 22.25
CA ASN A 53 -11.91 10.73 21.86
C ASN A 53 -11.25 10.15 20.63
N MET A 54 -10.35 10.93 20.04
CA MET A 54 -9.63 10.52 18.85
C MET A 54 -8.20 10.07 19.20
N TYR A 55 -7.68 10.51 20.34
CA TYR A 55 -6.29 10.32 20.66
C TYR A 55 -6.06 10.16 22.17
N PRO A 56 -5.26 9.15 22.57
CA PRO A 56 -5.15 8.85 23.99
C PRO A 56 -4.61 10.04 24.78
N GLY A 57 -5.41 10.57 25.70
CA GLY A 57 -5.02 11.67 26.55
C GLY A 57 -5.30 13.02 25.92
N GLY A 58 -6.02 13.03 24.80
CA GLY A 58 -6.37 14.28 24.17
C GLY A 58 -5.20 15.19 23.82
N VAL A 59 -5.47 16.48 23.68
CA VAL A 59 -4.48 17.39 23.12
C VAL A 59 -3.35 17.65 24.12
N ALA A 60 -3.63 17.56 25.42
CA ALA A 60 -2.59 17.77 26.41
C ALA A 60 -1.52 16.70 26.26
N GLN A 61 -1.95 15.44 26.09
CA GLN A 61 -1.01 14.34 25.95
C GLN A 61 -0.32 14.37 24.59
N TYR A 62 -1.05 14.80 23.57
CA TYR A 62 -0.46 15.00 22.25
C TYR A 62 0.74 15.91 22.38
N ILE A 63 0.55 17.01 23.10
CA ILE A 63 1.60 18.02 23.31
C ILE A 63 2.81 17.49 24.06
N ARG A 64 2.55 16.74 25.13
N ARG A 64 2.56 16.73 25.13
CA ARG A 64 3.61 16.10 25.90
CA ARG A 64 3.67 16.14 25.89
C ARG A 64 4.40 15.15 25.00
C ARG A 64 4.40 15.05 25.09
N ASN A 65 3.67 14.34 24.23
CA ASN A 65 4.30 13.37 23.32
C ASN A 65 5.20 14.09 22.33
N GLY A 66 4.72 15.20 21.79
CA GLY A 66 5.53 16.05 20.93
C GLY A 66 6.81 16.51 21.61
N HIS A 67 6.71 16.93 22.87
CA HIS A 67 7.91 17.36 23.59
C HIS A 67 8.86 16.19 23.63
N GLU A 68 8.34 15.03 24.03
CA GLU A 68 9.21 13.87 24.21
C GLU A 68 9.89 13.48 22.91
N LEU A 69 9.19 13.61 21.80
CA LEU A 69 9.74 13.21 20.50
C LEU A 69 10.73 14.25 19.98
N LEU A 70 10.35 15.52 20.09
CA LEU A 70 11.19 16.63 19.63
C LEU A 70 12.53 16.70 20.38
N ALA A 71 12.49 16.37 21.66
CA ALA A 71 13.68 16.25 22.50
C ALA A 71 14.67 15.30 21.87
N ARG A 72 14.12 14.21 21.37
CA ARG A 72 14.86 13.05 20.96
C ARG A 72 15.39 13.32 19.57
N GLU A 73 14.95 14.44 19.03
CA GLU A 73 15.13 14.75 17.64
C GLU A 73 16.26 15.75 17.47
N SER A 74 17.21 15.68 18.39
CA SER A 74 18.42 16.50 18.31
C SER A 74 19.61 15.57 18.42
N GLU A 75 19.32 14.32 18.77
CA GLU A 75 20.35 13.30 18.96
C GLU A 75 20.37 12.34 17.76
N GLU A 76 21.43 11.56 17.67
CA GLU A 76 21.61 10.59 16.59
C GLU A 76 20.94 9.27 16.99
N VAL A 77 20.10 8.73 16.11
CA VAL A 77 19.51 7.43 16.38
C VAL A 77 20.65 6.45 16.59
N ASP A 78 20.50 5.53 17.53
CA ASP A 78 21.51 4.52 17.75
C ASP A 78 20.95 3.23 18.33
N PHE A 79 21.49 2.12 17.89
CA PHE A 79 21.13 0.82 18.41
C PHE A 79 22.38 0.19 19.01
N ALA A 80 22.25 -0.44 20.17
CA ALA A 80 23.37 -1.19 20.73
C ALA A 80 23.72 -2.35 19.81
N ALA A 81 22.72 -2.92 19.16
CA ALA A 81 22.93 -4.07 18.29
C ALA A 81 22.01 -4.09 17.08
N LEU A 82 22.56 -4.58 15.97
CA LEU A 82 21.84 -4.66 14.71
C LEU A 82 22.48 -5.77 13.90
N GLU A 83 21.68 -6.76 13.53
CA GLU A 83 22.18 -7.85 12.71
C GLU A 83 21.01 -8.45 11.96
N MET A 84 21.26 -9.53 11.24
CA MET A 84 20.26 -10.14 10.39
C MET A 84 19.17 -10.79 11.25
N PRO A 85 17.90 -10.56 10.91
CA PRO A 85 16.84 -11.27 11.64
C PRO A 85 17.07 -12.78 11.53
N PRO A 86 16.91 -13.48 12.65
CA PRO A 86 17.09 -14.93 12.67
C PRO A 86 16.16 -15.67 11.68
N LEU A 87 14.92 -15.25 11.54
CA LEU A 87 13.97 -16.01 10.73
C LEU A 87 13.69 -15.37 9.37
N ILE A 88 14.51 -15.73 8.39
CA ILE A 88 14.40 -15.18 7.06
C ILE A 88 14.29 -16.33 6.07
N PHE A 89 13.31 -16.27 5.19
CA PHE A 89 13.09 -17.35 4.25
C PHE A 89 13.01 -16.81 2.84
N GLU A 90 13.61 -17.53 1.91
CA GLU A 90 13.63 -17.09 0.53
C GLU A 90 12.55 -17.78 -0.28
N ALA A 91 11.67 -16.97 -0.85
CA ALA A 91 10.62 -17.47 -1.72
C ALA A 91 11.24 -18.01 -3.00
N PRO A 92 10.71 -19.13 -3.49
CA PRO A 92 11.07 -19.60 -4.83
C PRO A 92 10.62 -18.58 -5.89
N SER A 93 11.27 -18.57 -7.05
CA SER A 93 10.92 -17.64 -8.14
C SER A 93 9.45 -17.73 -8.54
N LEU A 94 8.85 -16.56 -8.79
CA LEU A 94 7.48 -16.49 -9.26
C LEU A 94 7.34 -16.99 -10.70
N HIS A 95 8.47 -17.19 -11.41
CA HIS A 95 8.38 -17.52 -12.82
C HIS A 95 8.95 -18.89 -13.16
N ARG A 96 9.03 -19.78 -12.16
CA ARG A 96 9.47 -21.15 -12.36
C ARG A 96 8.49 -22.10 -11.68
N ARG A 97 7.85 -22.96 -12.46
CA ARG A 97 6.84 -23.84 -11.91
C ARG A 97 7.46 -25.12 -11.36
N THR A 98 8.22 -24.98 -10.27
CA THR A 98 8.85 -26.11 -9.60
C THR A 98 7.86 -26.78 -8.63
N ALA A 99 8.22 -27.95 -8.13
CA ALA A 99 7.35 -28.64 -7.20
C ALA A 99 7.12 -27.77 -5.96
N GLU A 100 8.19 -27.12 -5.50
CA GLU A 100 8.12 -26.25 -4.31
C GLU A 100 7.16 -25.09 -4.54
N ARG A 101 7.29 -24.43 -5.68
CA ARG A 101 6.45 -23.28 -5.96
C ARG A 101 5.01 -23.76 -6.00
N THR A 102 4.78 -24.87 -6.70
CA THR A 102 3.45 -25.47 -6.79
C THR A 102 2.90 -25.78 -5.40
N ALA A 103 3.69 -26.44 -4.57
CA ALA A 103 3.30 -26.76 -3.20
C ALA A 103 2.95 -25.50 -2.39
N LEU A 104 3.82 -24.49 -2.45
CA LEU A 104 3.57 -23.26 -1.71
C LEU A 104 2.34 -22.49 -2.20
N GLU A 105 2.18 -22.39 -3.52
CA GLU A 105 1.03 -21.71 -4.07
C GLU A 105 -0.27 -22.39 -3.69
N ASN A 106 -0.30 -23.72 -3.77
CA ASN A 106 -1.51 -24.46 -3.41
C ASN A 106 -1.89 -24.30 -1.94
N ALA A 107 -0.90 -24.49 -1.05
CA ALA A 107 -1.11 -24.30 0.37
C ALA A 107 -1.53 -22.85 0.67
N GLY A 108 -0.82 -21.89 0.09
CA GLY A 108 -1.15 -20.50 0.26
C GLY A 108 -2.51 -20.13 -0.27
N THR A 109 -2.87 -20.65 -1.44
CA THR A 109 -4.17 -20.33 -2.03
C THR A 109 -5.34 -20.87 -1.18
N ALA A 110 -5.18 -22.06 -0.60
CA ALA A 110 -6.19 -22.56 0.34
C ALA A 110 -6.30 -21.66 1.56
N MET A 111 -5.19 -21.12 2.01
CA MET A 111 -5.23 -20.25 3.20
C MET A 111 -5.93 -18.93 2.91
N LEU A 112 -6.02 -18.56 1.63
CA LEU A 112 -6.69 -17.32 1.24
C LEU A 112 -8.17 -17.31 1.63
N CYS A 113 -8.79 -18.49 1.73
CA CYS A 113 -10.17 -18.62 2.15
C CYS A 113 -10.39 -18.18 3.60
N LYS A 114 -9.31 -18.14 4.38
CA LYS A 114 -9.41 -17.82 5.81
C LYS A 114 -8.56 -16.60 6.15
N THR A 115 -8.45 -15.67 5.19
CA THR A 115 -7.63 -14.47 5.34
C THR A 115 -8.48 -13.18 5.37
N VAL A 116 -8.21 -12.31 6.34
CA VAL A 116 -8.81 -10.99 6.37
C VAL A 116 -7.87 -10.02 5.61
N PHE A 117 -8.40 -9.16 4.74
CA PHE A 117 -7.53 -8.22 4.01
C PHE A 117 -7.68 -6.78 4.47
N VAL A 118 -6.56 -6.09 4.58
CA VAL A 118 -6.61 -4.70 4.99
C VAL A 118 -5.83 -3.84 4.02
N LEU A 119 -6.49 -2.82 3.48
CA LEU A 119 -5.84 -1.87 2.56
C LEU A 119 -5.68 -0.47 3.20
N VAL A 120 -4.45 0.01 3.29
CA VAL A 120 -4.25 1.33 3.82
C VAL A 120 -4.20 2.31 2.66
N ALA A 121 -5.18 3.20 2.64
CA ALA A 121 -5.36 4.09 1.50
C ALA A 121 -5.79 5.47 1.99
N GLY A 122 -5.12 5.94 3.05
CA GLY A 122 -5.40 7.25 3.61
C GLY A 122 -4.38 8.28 3.14
N GLY A 123 -3.36 7.82 2.43
CA GLY A 123 -2.25 8.69 2.09
C GLY A 123 -2.47 9.41 0.78
N LEU A 124 -1.83 10.55 0.63
CA LEU A 124 -1.95 11.37 -0.57
C LEU A 124 -0.89 11.10 -1.61
N GLY A 125 0.31 10.71 -1.17
CA GLY A 125 1.43 10.65 -2.12
C GLY A 125 1.49 11.90 -2.99
N GLU A 126 1.80 13.03 -2.36
CA GLU A 126 1.72 14.35 -3.00
C GLU A 126 2.56 14.45 -4.28
N ARG A 127 3.35 13.42 -4.53
CA ARG A 127 4.43 13.49 -5.50
C ARG A 127 4.04 13.46 -6.99
N LEU A 128 2.95 12.78 -7.31
CA LEU A 128 2.77 12.18 -8.65
C LEU A 128 2.52 13.09 -9.87
N GLY A 129 1.67 14.11 -9.72
CA GLY A 129 1.12 14.79 -10.87
C GLY A 129 -0.30 14.28 -11.09
N TYR A 130 -0.83 13.62 -10.07
CA TYR A 130 -2.18 13.06 -10.09
C TYR A 130 -3.01 13.67 -8.96
N SER A 131 -4.10 14.34 -9.33
CA SER A 131 -4.89 15.10 -8.40
C SER A 131 -6.04 14.30 -7.78
N SER A 132 -6.17 13.03 -8.16
CA SER A 132 -7.19 12.19 -7.51
C SER A 132 -6.52 11.15 -6.61
N ILE A 133 -7.30 10.23 -6.06
CA ILE A 133 -6.75 9.29 -5.10
C ILE A 133 -5.95 8.16 -5.75
N LYS A 134 -4.92 7.70 -5.06
CA LYS A 134 -4.01 6.70 -5.62
C LYS A 134 -4.73 5.40 -6.03
N VAL A 135 -5.76 5.00 -5.30
CA VAL A 135 -6.42 3.71 -5.63
C VAL A 135 -7.33 3.86 -6.86
N SER A 136 -7.50 5.09 -7.35
CA SER A 136 -8.28 5.32 -8.57
C SER A 136 -7.37 5.26 -9.79
N LEU A 137 -6.06 5.13 -9.56
CA LEU A 137 -5.11 5.00 -10.66
C LEU A 137 -5.35 3.64 -11.30
N PRO A 138 -5.23 3.56 -12.64
CA PRO A 138 -5.30 2.25 -13.28
C PRO A 138 -4.02 1.46 -13.06
N VAL A 139 -4.16 0.16 -12.84
CA VAL A 139 -3.00 -0.74 -12.75
C VAL A 139 -2.34 -0.78 -14.15
N GLU A 140 -3.18 -0.72 -15.18
CA GLU A 140 -2.72 -0.69 -16.55
C GLU A 140 -3.83 -0.09 -17.39
N THR A 141 -3.45 0.56 -18.50
CA THR A 141 -4.42 1.25 -19.33
C THR A 141 -5.05 0.42 -20.47
N ALA A 142 -4.64 -0.83 -20.64
CA ALA A 142 -5.33 -1.76 -21.54
C ALA A 142 -6.80 -1.95 -21.12
N THR A 143 -7.02 -2.21 -19.82
CA THR A 143 -8.39 -2.37 -19.30
C THR A 143 -8.77 -1.20 -18.38
N ASN A 144 -7.77 -0.42 -17.95
CA ASN A 144 -8.01 0.69 -17.01
C ASN A 144 -8.61 0.25 -15.66
N THR A 145 -8.45 -1.02 -15.31
CA THR A 145 -8.85 -1.50 -13.97
C THR A 145 -8.10 -0.72 -12.87
N THR A 146 -8.84 -0.09 -11.96
CA THR A 146 -8.23 0.68 -10.87
C THR A 146 -7.52 -0.21 -9.86
N TYR A 147 -6.56 0.33 -9.11
CA TYR A 147 -6.02 -0.44 -8.00
C TYR A 147 -7.14 -0.91 -7.06
N LEU A 148 -8.11 -0.05 -6.77
CA LEU A 148 -9.15 -0.42 -5.84
C LEU A 148 -9.90 -1.67 -6.32
N ALA A 149 -10.37 -1.65 -7.58
CA ALA A 149 -11.08 -2.81 -8.15
C ALA A 149 -10.23 -4.07 -8.21
N TYR A 150 -8.96 -3.86 -8.53
CA TYR A 150 -8.02 -4.94 -8.68
C TYR A 150 -7.90 -5.72 -7.38
N TYR A 151 -7.61 -5.02 -6.28
CA TYR A 151 -7.55 -5.70 -4.98
C TYR A 151 -8.86 -6.38 -4.55
N LEU A 152 -9.96 -5.65 -4.70
CA LEU A 152 -11.26 -6.12 -4.18
C LEU A 152 -11.76 -7.32 -4.97
N ARG A 153 -11.63 -7.27 -6.29
CA ARG A 153 -12.05 -8.40 -7.10
C ARG A 153 -11.18 -9.61 -6.85
N TRP A 154 -9.88 -9.38 -6.63
CA TRP A 154 -9.01 -10.49 -6.30
C TRP A 154 -9.38 -11.12 -4.97
N ALA A 155 -9.65 -10.27 -3.97
CA ALA A 155 -10.02 -10.77 -2.65
C ALA A 155 -11.34 -11.57 -2.65
N GLN A 156 -12.32 -11.09 -3.40
CA GLN A 156 -13.59 -11.80 -3.49
C GLN A 156 -13.46 -13.09 -4.29
N ARG A 157 -12.51 -13.11 -5.20
CA ARG A 157 -12.23 -14.33 -5.93
C ARG A 157 -11.60 -15.40 -5.01
N VAL A 158 -10.61 -15.03 -4.21
CA VAL A 158 -9.90 -16.02 -3.39
C VAL A 158 -10.59 -16.29 -2.04
N GLY A 159 -11.39 -15.34 -1.59
CA GLY A 159 -12.06 -15.41 -0.31
C GLY A 159 -13.57 -15.47 -0.38
N GLY A 160 -14.12 -15.50 -1.59
CA GLY A 160 -15.58 -15.51 -1.76
C GLY A 160 -16.11 -14.09 -1.69
N LYS A 161 -17.35 -13.89 -2.11
CA LYS A 161 -17.95 -12.56 -2.16
C LYS A 161 -17.96 -11.89 -0.79
N GLU A 162 -18.11 -12.71 0.25
CA GLU A 162 -18.21 -12.26 1.63
C GLU A 162 -16.87 -12.09 2.32
N VAL A 163 -15.79 -12.01 1.56
CA VAL A 163 -14.47 -11.85 2.17
C VAL A 163 -14.45 -10.62 3.08
N PRO A 164 -13.80 -10.74 4.26
CA PRO A 164 -13.65 -9.58 5.15
C PRO A 164 -12.57 -8.64 4.61
N PHE A 165 -12.89 -7.36 4.45
CA PHE A 165 -11.96 -6.44 3.79
C PHE A 165 -12.06 -5.10 4.48
N VAL A 166 -10.93 -4.59 4.93
CA VAL A 166 -10.92 -3.27 5.55
C VAL A 166 -10.17 -2.32 4.62
N ILE A 167 -10.74 -1.14 4.41
CA ILE A 167 -9.99 -0.07 3.79
C ILE A 167 -9.85 1.07 4.77
N MET A 168 -8.62 1.51 5.04
CA MET A 168 -8.43 2.71 5.84
C MET A 168 -8.37 3.91 4.92
N THR A 169 -9.27 4.86 5.14
CA THR A 169 -9.22 6.12 4.42
C THR A 169 -8.78 7.24 5.36
N SER A 170 -8.63 8.44 4.82
CA SER A 170 -8.44 9.65 5.64
C SER A 170 -9.32 10.75 5.08
N ASP A 171 -9.29 11.91 5.74
CA ASP A 171 -9.98 13.10 5.26
C ASP A 171 -9.50 13.48 3.86
N ASP A 172 -8.26 13.10 3.54
CA ASP A 172 -7.74 13.33 2.18
C ASP A 172 -8.36 12.37 1.12
N THR A 173 -8.75 11.16 1.51
CA THR A 173 -9.18 10.16 0.50
C THR A 173 -10.60 9.62 0.66
N HIS A 174 -11.23 9.90 1.78
CA HIS A 174 -12.44 9.20 2.18
C HIS A 174 -13.60 9.33 1.20
N ASP A 175 -14.03 10.54 0.92
CA ASP A 175 -15.16 10.76 0.02
C ASP A 175 -14.94 10.23 -1.38
N ARG A 176 -13.75 10.46 -1.94
CA ARG A 176 -13.47 9.97 -3.27
C ARG A 176 -13.40 8.46 -3.28
N THR A 177 -13.03 7.87 -2.15
CA THR A 177 -13.01 6.40 -2.07
C THR A 177 -14.43 5.84 -2.08
N LEU A 178 -15.34 6.45 -1.32
CA LEU A 178 -16.74 6.00 -1.35
C LEU A 178 -17.32 6.20 -2.77
N GLN A 179 -17.05 7.36 -3.37
CA GLN A 179 -17.47 7.64 -4.75
C GLN A 179 -17.03 6.54 -5.71
N LEU A 180 -15.76 6.17 -5.65
CA LEU A 180 -15.22 5.12 -6.53
C LEU A 180 -15.87 3.76 -6.26
N LEU A 181 -16.11 3.44 -4.99
CA LEU A 181 -16.79 2.18 -4.67
C LEU A 181 -18.13 2.17 -5.37
N ARG A 182 -18.87 3.26 -5.26
N ARG A 182 -18.86 3.27 -5.25
CA ARG A 182 -20.21 3.35 -5.84
CA ARG A 182 -20.19 3.43 -5.82
C ARG A 182 -20.16 3.34 -7.38
C ARG A 182 -20.15 3.36 -7.35
N GLU A 183 -19.24 4.14 -7.94
CA GLU A 183 -19.09 4.21 -9.41
C GLU A 183 -18.74 2.89 -10.03
N LEU A 184 -17.93 2.09 -9.33
CA LEU A 184 -17.50 0.80 -9.86
C LEU A 184 -18.52 -0.29 -9.64
N GLN A 185 -19.60 0.02 -8.92
CA GLN A 185 -20.62 -0.96 -8.64
C GLN A 185 -20.04 -2.19 -7.96
N LEU A 186 -19.02 -1.96 -7.15
CA LEU A 186 -18.43 -2.99 -6.30
C LEU A 186 -19.35 -3.37 -5.13
N GLU A 187 -19.79 -4.63 -5.08
CA GLU A 187 -20.66 -5.14 -4.02
C GLU A 187 -19.92 -6.05 -3.04
N VAL A 188 -19.44 -5.46 -1.96
CA VAL A 188 -18.58 -6.15 -0.99
C VAL A 188 -19.23 -6.13 0.41
N PRO A 189 -20.02 -7.18 0.72
CA PRO A 189 -20.85 -7.22 1.94
C PRO A 189 -20.08 -7.06 3.25
N ASN A 190 -18.87 -7.60 3.37
CA ASN A 190 -18.09 -7.44 4.60
C ASN A 190 -16.91 -6.47 4.47
N LEU A 191 -17.10 -5.46 3.62
CA LEU A 191 -16.15 -4.38 3.51
C LEU A 191 -16.36 -3.43 4.67
N HIS A 192 -15.29 -2.97 5.30
CA HIS A 192 -15.41 -1.90 6.29
C HIS A 192 -14.46 -0.76 5.96
N VAL A 193 -15.02 0.44 5.81
CA VAL A 193 -14.24 1.62 5.54
C VAL A 193 -14.07 2.39 6.84
N LEU A 194 -12.81 2.48 7.28
CA LEU A 194 -12.48 3.11 8.56
C LEU A 194 -11.58 4.33 8.31
N LYS A 195 -12.05 5.49 8.74
CA LYS A 195 -11.37 6.73 8.38
C LYS A 195 -10.46 7.16 9.54
N GLN A 196 -9.18 7.33 9.26
CA GLN A 196 -8.26 7.76 10.31
C GLN A 196 -8.47 9.24 10.62
N GLY A 197 -8.08 9.63 11.82
CA GLY A 197 -8.30 10.98 12.27
C GLY A 197 -7.21 11.94 11.86
N GLN A 198 -7.49 13.21 12.08
CA GLN A 198 -6.53 14.26 11.90
C GLN A 198 -5.83 14.54 13.22
N VAL A 199 -4.56 14.89 13.17
CA VAL A 199 -3.85 15.32 14.35
C VAL A 199 -3.26 16.69 14.09
N PHE A 200 -2.83 17.35 15.16
CA PHE A 200 -2.43 18.74 15.08
C PHE A 200 -0.97 18.87 14.68
N CYS A 201 -0.63 20.03 14.11
CA CYS A 201 0.72 20.28 13.67
C CYS A 201 1.43 21.24 14.64
N PHE A 202 2.74 21.07 14.76
CA PHE A 202 3.54 21.91 15.62
C PHE A 202 4.26 22.99 14.81
N ALA A 203 4.05 24.25 15.18
CA ALA A 203 4.73 25.34 14.48
C ALA A 203 6.22 25.32 14.79
N ASP A 204 6.57 24.81 15.96
CA ASP A 204 7.96 24.91 16.35
C ASP A 204 8.47 23.75 17.20
N SER A 205 9.75 23.83 17.53
CA SER A 205 10.44 22.85 18.34
C SER A 205 10.00 22.84 19.82
N ALA A 206 9.15 23.80 20.21
CA ALA A 206 8.64 23.83 21.59
C ALA A 206 7.23 23.25 21.63
N ALA A 207 6.80 22.66 20.51
CA ALA A 207 5.49 22.04 20.36
C ALA A 207 4.31 22.99 20.50
N HIS A 208 4.50 24.24 20.08
CA HIS A 208 3.38 25.18 19.98
C HIS A 208 2.51 24.78 18.77
N LEU A 209 1.20 24.67 18.98
CA LEU A 209 0.29 24.24 17.93
C LEU A 209 0.23 25.26 16.79
N ALA A 210 0.25 24.75 15.57
CA ALA A 210 0.24 25.60 14.39
C ALA A 210 -1.19 25.99 13.99
N LEU A 211 -1.35 27.26 13.63
CA LEU A 211 -2.61 27.74 13.06
C LEU A 211 -2.40 28.04 11.57
N ASP A 212 -3.47 28.07 10.79
CA ASP A 212 -3.34 28.49 9.40
C ASP A 212 -3.77 29.93 9.16
N GLU A 213 -4.12 30.24 7.92
CA GLU A 213 -4.47 31.60 7.52
C GLU A 213 -5.75 32.08 8.18
N THR A 214 -6.81 31.28 8.06
CA THR A 214 -8.12 31.63 8.61
C THR A 214 -8.16 31.64 10.14
N GLY A 215 -7.06 31.23 10.77
CA GLY A 215 -6.97 31.25 12.23
C GLY A 215 -7.42 29.96 12.88
N LYS A 216 -7.56 28.91 12.08
CA LYS A 216 -7.97 27.60 12.61
C LYS A 216 -6.76 26.69 12.79
N LEU A 217 -6.93 25.63 13.55
CA LEU A 217 -5.83 24.72 13.81
C LEU A 217 -5.48 23.90 12.58
N LEU A 218 -4.19 23.81 12.29
CA LEU A 218 -3.70 23.05 11.17
C LEU A 218 -3.63 21.56 11.52
N ARG A 219 -3.94 20.70 10.56
CA ARG A 219 -4.14 19.27 10.81
C ARG A 219 -3.59 18.41 9.68
N LYS A 220 -3.08 17.24 10.01
CA LYS A 220 -2.66 16.24 9.03
C LYS A 220 -2.96 14.86 9.63
N PRO A 221 -2.99 13.81 8.80
CA PRO A 221 -3.15 12.50 9.43
C PRO A 221 -1.87 12.03 10.13
N HIS A 222 -2.00 10.96 10.89
CA HIS A 222 -1.01 10.51 11.86
C HIS A 222 -0.22 9.32 11.31
N GLY A 223 -0.41 9.03 10.02
CA GLY A 223 0.35 8.00 9.33
C GLY A 223 -0.39 6.69 9.17
N HIS A 224 0.18 5.74 8.44
CA HIS A 224 -0.48 4.47 8.23
C HIS A 224 -0.54 3.64 9.51
N GLY A 225 0.20 4.07 10.54
CA GLY A 225 0.16 3.44 11.85
C GLY A 225 -1.21 3.35 12.52
N ASP A 226 -2.11 4.30 12.22
CA ASP A 226 -3.45 4.32 12.83
C ASP A 226 -4.36 3.14 12.49
N VAL A 227 -3.99 2.34 11.48
CA VAL A 227 -4.88 1.26 11.07
C VAL A 227 -5.19 0.29 12.22
N HIS A 228 -4.22 0.06 13.11
CA HIS A 228 -4.43 -0.94 14.14
C HIS A 228 -5.43 -0.50 15.20
N SER A 229 -5.40 0.77 15.56
CA SER A 229 -6.37 1.30 16.50
C SER A 229 -7.76 1.39 15.88
N LEU A 230 -7.84 1.68 14.58
CA LEU A 230 -9.14 1.78 13.92
C LEU A 230 -9.78 0.41 13.96
N ILE A 231 -8.99 -0.59 13.58
CA ILE A 231 -9.41 -1.98 13.73
C ILE A 231 -9.80 -2.34 15.18
N TYR A 232 -8.96 -2.01 16.16
CA TYR A 232 -9.26 -2.34 17.57
C TYR A 232 -10.60 -1.77 18.03
N ASN A 233 -10.92 -0.55 17.60
CA ASN A 233 -12.15 0.11 18.05
C ASN A 233 -13.36 -0.14 17.18
N ALA A 234 -13.16 -0.86 16.08
CA ALA A 234 -14.27 -1.13 15.16
C ALA A 234 -15.19 -2.26 15.65
N THR A 235 -16.49 -2.10 15.39
CA THR A 235 -17.50 -3.08 15.76
C THR A 235 -18.36 -3.46 14.55
N VAL A 236 -19.13 -4.54 14.66
CA VAL A 236 -19.93 -5.01 13.53
C VAL A 236 -21.40 -5.17 13.85
N ALA A 251 -22.70 -5.11 18.72
CA ALA A 251 -21.89 -4.57 19.82
C ALA A 251 -20.58 -5.37 19.99
N GLN A 252 -20.27 -6.19 18.98
CA GLN A 252 -19.07 -7.02 19.03
C GLN A 252 -17.90 -6.41 18.26
N PRO A 253 -16.68 -6.52 18.84
CA PRO A 253 -15.48 -6.07 18.14
C PRO A 253 -15.30 -6.85 16.84
N LEU A 254 -14.92 -6.11 15.80
CA LEU A 254 -14.75 -6.66 14.48
C LEU A 254 -13.87 -7.90 14.54
N VAL A 255 -12.74 -7.80 15.22
CA VAL A 255 -11.80 -8.90 15.27
C VAL A 255 -12.40 -10.15 15.93
N ASN A 256 -13.31 -9.96 16.86
CA ASN A 256 -13.98 -11.11 17.49
C ASN A 256 -14.82 -11.83 16.45
N ASP A 257 -15.56 -11.03 15.69
CA ASP A 257 -16.35 -11.55 14.59
C ASP A 257 -15.50 -12.38 13.63
N TRP A 258 -14.35 -11.84 13.23
CA TRP A 258 -13.44 -12.57 12.33
C TRP A 258 -12.99 -13.90 12.96
N LEU A 259 -12.57 -13.83 14.22
CA LEU A 259 -12.09 -15.03 14.90
C LEU A 259 -13.19 -16.10 15.02
N ALA A 260 -14.39 -15.66 15.38
CA ALA A 260 -15.52 -16.59 15.51
C ALA A 260 -15.94 -17.25 14.19
N ALA A 261 -15.73 -16.54 13.08
CA ALA A 261 -16.07 -17.08 11.77
C ALA A 261 -14.99 -18.03 11.26
N GLY A 262 -13.92 -18.18 12.03
CA GLY A 262 -12.88 -19.12 11.66
C GLY A 262 -11.73 -18.56 10.85
N TYR A 263 -11.62 -17.23 10.78
CA TYR A 263 -10.51 -16.60 10.04
C TYR A 263 -9.19 -16.81 10.78
N GLU A 264 -8.12 -17.03 10.03
CA GLU A 264 -6.85 -17.48 10.61
C GLU A 264 -5.68 -16.54 10.31
N SER A 265 -5.78 -15.74 9.25
CA SER A 265 -4.73 -14.80 8.92
C SER A 265 -5.26 -13.40 8.61
N ILE A 266 -4.38 -12.42 8.73
CA ILE A 266 -4.72 -11.05 8.38
C ILE A 266 -3.53 -10.45 7.63
N VAL A 267 -3.82 -9.81 6.50
CA VAL A 267 -2.82 -9.26 5.59
C VAL A 267 -3.07 -7.78 5.32
N PHE A 268 -2.01 -6.99 5.38
CA PHE A 268 -2.04 -5.54 5.17
C PHE A 268 -1.33 -5.22 3.89
N ILE A 269 -1.99 -4.45 3.02
CA ILE A 269 -1.38 -4.07 1.76
C ILE A 269 -1.45 -2.57 1.57
N GLN A 270 -0.57 -2.05 0.70
CA GLN A 270 -0.54 -0.61 0.41
C GLN A 270 -1.21 -0.27 -0.94
N ASP A 271 -1.33 1.03 -1.22
CA ASP A 271 -2.29 1.50 -2.19
C ASP A 271 -1.95 1.22 -3.68
N THR A 272 -0.67 1.15 -4.05
CA THR A 272 -0.34 0.98 -5.46
C THR A 272 0.73 -0.06 -5.75
N ASN A 273 0.59 -1.27 -5.23
CA ASN A 273 1.57 -2.31 -5.53
C ASN A 273 0.86 -3.58 -5.93
N ALA A 274 0.70 -3.76 -7.23
CA ALA A 274 -0.05 -4.91 -7.74
C ALA A 274 0.68 -6.23 -7.48
N GLY A 275 1.96 -6.17 -7.13
CA GLY A 275 2.70 -7.38 -6.82
C GLY A 275 2.14 -8.22 -5.67
N ALA A 276 1.39 -7.58 -4.77
CA ALA A 276 0.90 -8.25 -3.56
C ALA A 276 0.05 -9.49 -3.85
N THR A 277 -0.66 -9.53 -4.97
CA THR A 277 -1.51 -10.69 -5.27
C THR A 277 -0.67 -11.92 -5.61
N ILE A 278 0.59 -11.69 -5.94
CA ILE A 278 1.54 -12.77 -6.21
C ILE A 278 2.29 -13.19 -4.95
N THR A 279 2.75 -12.22 -4.16
CA THR A 279 3.56 -12.56 -3.00
C THR A 279 2.75 -13.16 -1.85
N ILE A 280 1.50 -12.72 -1.70
CA ILE A 280 0.71 -13.06 -0.53
C ILE A 280 0.51 -14.59 -0.33
N PRO A 281 0.12 -15.34 -1.40
CA PRO A 281 -0.07 -16.78 -1.17
C PRO A 281 1.21 -17.45 -0.69
N ILE A 282 2.34 -17.03 -1.23
CA ILE A 282 3.60 -17.63 -0.82
C ILE A 282 3.86 -17.33 0.64
N SER A 283 3.61 -16.08 1.05
CA SER A 283 3.92 -15.68 2.43
C SER A 283 3.07 -16.47 3.42
N LEU A 284 1.80 -16.65 3.10
CA LEU A 284 0.91 -17.44 3.95
C LEU A 284 1.44 -18.86 4.12
N ALA A 285 1.84 -19.48 3.01
CA ALA A 285 2.33 -20.85 3.07
C ALA A 285 3.57 -20.96 3.96
N LEU A 286 4.50 -20.01 3.78
CA LEU A 286 5.73 -20.00 4.55
C LEU A 286 5.50 -19.66 6.02
N SER A 287 4.52 -18.80 6.30
CA SER A 287 4.17 -18.50 7.68
C SER A 287 3.72 -19.77 8.37
N ALA A 288 2.95 -20.60 7.65
CA ALA A 288 2.39 -21.81 8.21
C ALA A 288 3.48 -22.86 8.40
N GLU A 289 4.33 -22.98 7.40
CA GLU A 289 5.43 -23.93 7.44
C GLU A 289 6.38 -23.59 8.56
N HIS A 290 6.59 -22.31 8.79
CA HIS A 290 7.59 -21.88 9.75
C HIS A 290 6.97 -21.25 10.99
N SER A 291 5.66 -21.46 11.17
CA SER A 291 4.98 -20.96 12.36
C SER A 291 5.35 -19.50 12.66
N LEU A 292 5.10 -18.61 11.71
CA LEU A 292 5.41 -17.20 11.92
C LEU A 292 4.19 -16.43 12.41
N ASP A 293 4.36 -15.67 13.48
CA ASP A 293 3.28 -14.83 13.96
C ASP A 293 3.12 -13.60 13.10
N MET A 294 4.24 -12.98 12.75
CA MET A 294 4.27 -11.89 11.81
C MET A 294 5.33 -12.19 10.76
N ASN A 295 5.00 -11.89 9.50
CA ASN A 295 5.83 -12.23 8.34
C ASN A 295 5.96 -11.01 7.41
N PHE A 296 7.12 -10.34 7.43
CA PHE A 296 7.36 -9.15 6.60
C PHE A 296 7.66 -9.57 5.17
N THR A 297 7.00 -8.94 4.20
CA THR A 297 7.35 -9.16 2.79
C THR A 297 8.58 -8.35 2.41
N CYS A 298 9.63 -9.05 1.97
CA CYS A 298 10.88 -8.38 1.62
C CYS A 298 11.40 -8.59 0.19
N ILE A 299 12.40 -7.79 -0.16
CA ILE A 299 13.10 -7.91 -1.42
C ILE A 299 14.53 -7.47 -1.14
N PRO A 300 15.48 -7.94 -1.95
CA PRO A 300 16.85 -7.41 -1.81
C PRO A 300 16.81 -5.91 -2.01
N ARG A 301 17.46 -5.15 -1.14
CA ARG A 301 17.36 -3.68 -1.19
C ARG A 301 18.59 -3.02 -1.80
N VAL A 302 18.37 -2.04 -2.67
CA VAL A 302 19.47 -1.21 -3.18
C VAL A 302 19.65 0.00 -2.27
N PRO A 303 20.92 0.31 -1.91
CA PRO A 303 21.35 1.27 -0.89
C PRO A 303 20.54 2.58 -0.76
N LYS A 304 20.03 3.09 -1.85
CA LYS A 304 19.40 4.41 -1.81
C LYS A 304 17.87 4.39 -1.52
N GLU A 305 17.22 3.26 -1.71
CA GLU A 305 15.77 3.32 -1.89
C GLU A 305 14.88 3.50 -0.64
N PRO A 306 13.70 4.11 -0.84
CA PRO A 306 12.81 4.51 0.25
C PRO A 306 11.96 3.35 0.75
N ILE A 307 12.62 2.24 1.08
CA ILE A 307 11.96 1.17 1.80
C ILE A 307 12.83 0.89 3.03
N GLY A 308 12.20 0.52 4.13
CA GLY A 308 12.93 0.26 5.36
C GLY A 308 13.70 -1.05 5.29
N LEU A 309 14.51 -1.30 6.33
CA LEU A 309 15.29 -2.52 6.42
C LEU A 309 14.77 -3.40 7.55
N LEU A 310 14.60 -4.69 7.27
CA LEU A 310 14.19 -5.64 8.31
C LEU A 310 15.42 -6.12 9.08
N CYS A 311 15.49 -5.78 10.37
CA CYS A 311 16.66 -6.04 11.20
C CYS A 311 16.33 -6.70 12.54
N ARG A 312 17.27 -7.46 13.08
CA ARG A 312 17.22 -7.85 14.48
C ARG A 312 17.88 -6.74 15.28
N THR A 313 17.16 -6.16 16.24
CA THR A 313 17.61 -4.93 16.90
C THR A 313 17.67 -4.98 18.43
N LYS A 314 18.51 -4.12 19.00
CA LYS A 314 18.48 -3.79 20.43
C LYS A 314 18.78 -2.31 20.55
N LYS A 315 17.79 -1.51 20.91
CA LYS A 315 17.97 -0.05 20.98
C LYS A 315 19.00 0.32 22.06
N ASN A 316 18.91 -0.33 23.21
CA ASN A 316 19.83 -0.07 24.31
C ASN A 316 20.56 -1.33 24.78
N SER A 317 21.67 -1.15 25.48
CA SER A 317 22.59 -2.24 25.72
C SER A 317 22.01 -3.45 26.48
N GLY A 318 21.02 -3.25 27.33
CA GLY A 318 20.42 -4.34 28.09
C GLY A 318 19.21 -5.03 27.48
N ASP A 319 18.60 -4.42 26.46
CA ASP A 319 17.34 -4.93 25.92
C ASP A 319 17.43 -6.31 25.30
N PRO A 320 16.27 -6.98 25.16
CA PRO A 320 16.16 -8.22 24.38
C PRO A 320 16.15 -7.89 22.90
N TRP A 321 16.59 -8.83 22.07
CA TRP A 321 16.54 -8.66 20.63
C TRP A 321 15.08 -8.43 20.22
N LEU A 322 14.90 -7.61 19.20
CA LEU A 322 13.57 -7.29 18.72
C LEU A 322 13.63 -7.15 17.21
N VAL A 323 12.94 -8.04 16.50
CA VAL A 323 12.90 -7.94 15.05
C VAL A 323 11.93 -6.84 14.62
N ALA A 324 12.41 -5.89 13.81
CA ALA A 324 11.57 -4.78 13.35
C ALA A 324 12.14 -4.10 12.11
N ASN A 325 11.29 -3.37 11.42
CA ASN A 325 11.70 -2.51 10.31
C ASN A 325 12.49 -1.37 10.93
N VAL A 326 13.58 -0.95 10.28
CA VAL A 326 14.25 0.33 10.56
C VAL A 326 14.09 1.15 9.28
N GLU A 327 13.34 2.26 9.32
CA GLU A 327 13.02 3.01 8.10
C GLU A 327 14.27 3.52 7.38
N TYR A 328 14.13 3.69 6.06
CA TYR A 328 15.23 4.13 5.22
C TYR A 328 15.88 5.42 5.72
N ASN A 329 15.07 6.43 6.05
CA ASN A 329 15.63 7.70 6.54
C ASN A 329 16.44 7.52 7.84
N VAL A 330 15.95 6.66 8.73
CA VAL A 330 16.63 6.40 10.00
C VAL A 330 17.87 5.55 9.80
N PHE A 331 17.83 4.63 8.84
CA PHE A 331 18.97 3.79 8.57
C PHE A 331 20.03 4.65 7.93
N ALA A 332 19.57 5.68 7.21
CA ALA A 332 20.47 6.64 6.57
C ALA A 332 21.29 7.40 7.62
N GLU A 333 20.65 7.69 8.76
CA GLU A 333 21.33 8.36 9.88
C GLU A 333 22.09 7.38 10.79
N VAL A 334 21.44 6.29 11.20
CA VAL A 334 22.11 5.22 11.95
C VAL A 334 23.35 4.74 11.22
N SER A 335 23.27 4.71 9.89
CA SER A 335 24.31 4.16 9.03
C SER A 335 25.64 4.90 9.13
N ARG A 336 25.65 6.16 8.66
CA ARG A 336 26.87 6.95 8.53
C ARG A 336 27.76 6.98 9.77
N ALA A 337 27.31 6.39 10.87
CA ALA A 337 28.10 6.36 12.09
C ALA A 337 28.21 4.96 12.72
N LEU A 338 27.25 4.61 13.55
CA LEU A 338 27.29 3.43 14.42
C LEU A 338 27.68 2.09 13.78
N ASN A 339 28.70 1.45 14.34
CA ASN A 339 29.11 0.10 13.96
C ASN A 339 29.68 -0.68 15.15
N GLY A 351 25.97 -5.70 -4.08
CA GLY A 351 25.37 -4.43 -4.47
C GLY A 351 24.05 -4.12 -3.76
N PHE A 352 23.71 -4.93 -2.76
CA PHE A 352 22.50 -4.69 -1.96
C PHE A 352 22.83 -4.37 -0.51
N SER A 353 21.82 -3.98 0.24
CA SER A 353 21.99 -3.69 1.67
C SER A 353 22.23 -4.97 2.46
N PRO A 354 22.87 -4.85 3.63
CA PRO A 354 23.20 -6.01 4.48
C PRO A 354 21.94 -6.73 4.99
N PHE A 355 20.82 -6.02 5.08
CA PHE A 355 19.58 -6.59 5.58
C PHE A 355 18.50 -6.50 4.52
N PRO A 356 17.44 -7.31 4.65
CA PRO A 356 16.39 -7.29 3.63
C PRO A 356 15.58 -6.00 3.67
N GLY A 357 15.09 -5.57 2.51
CA GLY A 357 14.18 -4.44 2.41
C GLY A 357 12.73 -4.86 2.62
N SER A 358 12.01 -4.07 3.41
CA SER A 358 10.62 -4.35 3.76
C SER A 358 9.65 -3.54 2.91
N VAL A 359 8.74 -4.21 2.21
CA VAL A 359 7.84 -3.51 1.30
C VAL A 359 6.44 -3.29 1.84
N ASN A 360 6.20 -3.67 3.10
CA ASN A 360 4.94 -3.36 3.80
C ASN A 360 3.71 -4.04 3.24
N THR A 361 3.90 -5.27 2.77
CA THR A 361 2.80 -6.22 2.73
C THR A 361 3.02 -7.07 3.97
N LEU A 362 2.14 -6.93 4.95
CA LEU A 362 2.38 -7.51 6.26
C LEU A 362 1.43 -8.64 6.51
N VAL A 363 1.97 -9.82 6.85
CA VAL A 363 1.15 -11.04 6.96
C VAL A 363 1.18 -11.56 8.40
N PHE A 364 0.02 -11.64 9.03
CA PHE A 364 -0.05 -12.07 10.43
C PHE A 364 -0.83 -13.37 10.61
N LYS A 365 -0.54 -14.08 11.69
CA LYS A 365 -1.43 -15.11 12.21
C LYS A 365 -2.50 -14.34 12.97
N LEU A 366 -3.76 -14.47 12.56
CA LEU A 366 -4.79 -13.62 13.14
C LEU A 366 -4.83 -13.67 14.69
N SER A 367 -4.76 -14.86 15.27
CA SER A 367 -4.91 -14.94 16.72
C SER A 367 -3.80 -14.18 17.44
N SER A 368 -2.58 -14.26 16.93
CA SER A 368 -1.46 -13.53 17.53
C SER A 368 -1.64 -12.02 17.32
N TYR A 369 -2.08 -11.64 16.12
CA TYR A 369 -2.37 -10.24 15.83
C TYR A 369 -3.35 -9.68 16.88
N VAL A 370 -4.45 -10.40 17.08
CA VAL A 370 -5.49 -9.92 17.96
C VAL A 370 -5.00 -9.82 19.41
N ASP A 371 -4.23 -10.81 19.85
CA ASP A 371 -3.70 -10.77 21.22
C ASP A 371 -2.91 -9.49 21.44
N ARG A 372 -1.98 -9.19 20.55
CA ARG A 372 -1.18 -7.98 20.70
C ARG A 372 -2.07 -6.73 20.54
N LEU A 373 -3.07 -6.79 19.66
CA LEU A 373 -3.97 -5.66 19.47
C LEU A 373 -4.74 -5.33 20.76
N ARG A 374 -5.26 -6.37 21.40
CA ARG A 374 -6.01 -6.20 22.65
C ARG A 374 -5.12 -5.65 23.76
N GLU A 375 -3.87 -6.09 23.80
CA GLU A 375 -2.94 -5.61 24.81
C GLU A 375 -2.61 -4.13 24.64
N SER A 376 -2.49 -3.68 23.40
CA SER A 376 -2.02 -2.34 23.12
C SER A 376 -3.13 -1.37 22.74
N HIS A 377 -4.34 -1.88 22.54
CA HIS A 377 -5.41 -1.04 22.01
C HIS A 377 -5.02 -0.51 20.62
N GLY A 378 -4.14 -1.23 19.94
CA GLY A 378 -3.74 -0.87 18.60
C GLY A 378 -2.76 0.28 18.55
N ILE A 379 -2.39 0.78 19.74
CA ILE A 379 -1.44 1.90 19.84
C ILE A 379 -0.02 1.45 19.52
N VAL A 380 0.67 2.14 18.61
CA VAL A 380 2.04 1.76 18.31
C VAL A 380 2.99 2.90 18.56
N PRO A 381 4.28 2.61 18.66
CA PRO A 381 5.27 3.67 18.86
C PRO A 381 5.12 4.80 17.84
N GLU A 382 5.41 6.02 18.25
CA GLU A 382 5.24 7.18 17.39
C GLU A 382 6.59 7.76 17.08
N PHE A 383 6.65 8.65 16.10
CA PHE A 383 7.86 9.44 15.85
C PHE A 383 7.50 10.79 15.26
N ILE A 384 8.49 11.65 15.16
CA ILE A 384 8.31 12.91 14.44
C ILE A 384 9.53 13.17 13.55
N ASN A 385 9.29 13.82 12.41
CA ASN A 385 10.38 14.01 11.46
C ASN A 385 10.28 15.40 10.85
N PRO A 386 10.57 16.43 11.65
CA PRO A 386 10.41 17.81 11.21
C PRO A 386 11.29 18.12 10.01
N LYS A 387 10.76 18.92 9.08
CA LYS A 387 11.56 19.42 7.97
C LYS A 387 12.00 20.84 8.29
N TYR A 388 13.30 21.01 8.54
CA TYR A 388 13.85 22.30 8.97
C TYR A 388 14.11 23.23 7.79
N SER A 389 13.95 24.53 8.04
CA SER A 389 14.12 25.52 7.00
C SER A 389 15.59 25.65 6.63
N ASP A 390 16.42 25.82 7.65
CA ASP A 390 17.85 25.97 7.46
C ASP A 390 18.59 24.91 8.25
N GLU A 391 19.90 24.88 8.10
CA GLU A 391 20.72 23.86 8.73
C GLU A 391 21.03 24.24 10.17
N THR A 392 20.75 25.49 10.53
CA THR A 392 21.11 26.03 11.84
C THR A 392 20.06 25.79 12.90
N ARG A 393 18.96 26.52 12.75
CA ARG A 393 17.98 26.68 13.82
C ARG A 393 16.99 25.52 13.93
N ARG A 394 16.37 25.42 15.10
CA ARG A 394 15.27 24.49 15.32
C ARG A 394 14.04 25.09 14.66
N SER A 395 14.22 25.79 13.54
CA SER A 395 13.14 26.48 12.86
C SER A 395 12.53 25.65 11.72
N PHE A 396 11.21 25.46 11.76
CA PHE A 396 10.52 24.56 10.83
C PHE A 396 10.23 25.17 9.45
N LYS A 397 10.55 24.42 8.39
CA LYS A 397 10.20 24.87 7.05
C LYS A 397 8.68 24.82 6.88
N LYS A 398 8.06 23.81 7.47
CA LYS A 398 6.61 23.73 7.58
C LYS A 398 6.22 23.05 8.89
N PRO A 399 5.00 23.33 9.39
CA PRO A 399 4.61 22.71 10.67
C PRO A 399 4.81 21.21 10.58
N ALA A 400 5.05 20.55 11.73
CA ALA A 400 5.27 19.10 11.73
C ALA A 400 4.31 18.42 12.68
N ARG A 401 3.84 17.23 12.31
CA ARG A 401 2.99 16.45 13.21
C ARG A 401 3.61 15.09 13.54
N ILE A 402 3.08 14.46 14.58
CA ILE A 402 3.55 13.14 15.01
C ILE A 402 3.08 12.08 14.01
N GLU A 403 3.93 11.12 13.70
CA GLU A 403 3.57 10.07 12.75
C GLU A 403 3.70 8.68 13.34
N SER A 404 3.25 7.69 12.59
CA SER A 404 3.43 6.30 12.98
C SER A 404 3.34 5.38 11.76
N LEU A 405 3.99 4.23 11.86
CA LEU A 405 4.11 3.26 10.78
C LEU A 405 3.37 2.00 11.19
N MET A 406 2.60 1.44 10.27
CA MET A 406 1.81 0.27 10.57
C MET A 406 2.70 -0.92 10.89
N GLN A 407 3.88 -0.97 10.29
CA GLN A 407 4.81 -2.07 10.55
C GLN A 407 5.42 -2.06 11.96
N ASP A 408 5.37 -0.92 12.66
CA ASP A 408 5.94 -0.85 14.02
C ASP A 408 5.16 -1.64 15.08
N ILE A 409 4.01 -2.18 14.70
CA ILE A 409 3.34 -3.12 15.57
C ILE A 409 4.27 -4.31 15.86
N ALA A 410 5.29 -4.49 15.02
CA ALA A 410 6.28 -5.56 15.23
C ALA A 410 7.00 -5.46 16.59
N LEU A 411 7.06 -4.24 17.12
CA LEU A 411 7.77 -3.99 18.36
C LEU A 411 7.04 -4.58 19.56
N LEU A 412 5.79 -4.96 19.35
CA LEU A 412 4.94 -5.47 20.42
C LEU A 412 4.98 -6.98 20.47
N PHE A 413 5.77 -7.57 19.60
CA PHE A 413 5.91 -9.02 19.53
C PHE A 413 7.31 -9.40 20.02
N SER A 414 7.42 -9.77 21.30
CA SER A 414 8.70 -10.13 21.88
C SER A 414 9.22 -11.39 21.22
N GLU A 415 10.54 -11.50 21.16
CA GLU A 415 11.20 -12.71 20.66
C GLU A 415 10.92 -13.92 21.56
N ASP A 416 10.64 -13.67 22.83
CA ASP A 416 10.33 -14.74 23.77
C ASP A 416 8.99 -15.40 23.47
N ASP A 417 8.01 -14.58 23.10
CA ASP A 417 6.65 -15.06 22.98
C ASP A 417 6.21 -15.30 21.54
N TYR A 418 6.89 -14.66 20.60
CA TYR A 418 6.44 -14.70 19.22
C TYR A 418 7.54 -14.96 18.21
N ARG A 419 7.14 -15.44 17.04
CA ARG A 419 8.07 -15.68 15.95
C ARG A 419 7.82 -14.67 14.87
N VAL A 420 8.74 -13.72 14.72
CA VAL A 420 8.66 -12.70 13.68
C VAL A 420 9.75 -12.91 12.63
N GLY A 421 9.35 -12.94 11.36
CA GLY A 421 10.27 -13.22 10.28
C GLY A 421 10.03 -12.47 8.98
N GLY A 422 10.89 -12.73 8.00
CA GLY A 422 10.77 -12.14 6.69
C GLY A 422 10.81 -13.16 5.57
N THR A 423 10.04 -12.89 4.52
CA THR A 423 10.11 -13.70 3.31
C THR A 423 10.69 -12.81 2.20
N VAL A 424 11.81 -13.25 1.62
CA VAL A 424 12.48 -12.48 0.57
C VAL A 424 12.07 -12.90 -0.84
N PHE A 425 11.41 -11.98 -1.54
CA PHE A 425 11.02 -12.21 -2.93
C PHE A 425 11.93 -11.47 -3.91
N GLU A 426 11.75 -11.76 -5.19
CA GLU A 426 12.42 -11.04 -6.27
C GLU A 426 12.06 -9.54 -6.23
N ARG A 427 13.03 -8.69 -6.51
CA ARG A 427 12.75 -7.25 -6.61
C ARG A 427 11.62 -6.95 -7.60
N PHE A 428 11.56 -7.70 -8.69
CA PHE A 428 10.52 -7.52 -9.71
C PHE A 428 9.08 -7.61 -9.15
N SER A 429 8.87 -8.38 -8.10
CA SER A 429 7.54 -8.52 -7.48
C SER A 429 7.08 -7.25 -6.75
N TYR A 430 7.97 -6.27 -6.58
CA TYR A 430 7.62 -5.02 -5.88
C TYR A 430 7.45 -3.95 -6.95
N GLN A 431 6.20 -3.54 -7.22
CA GLN A 431 5.91 -2.63 -8.33
C GLN A 431 5.11 -1.39 -7.94
N PRO A 432 5.61 -0.60 -7.00
CA PRO A 432 4.80 0.56 -6.58
C PRO A 432 4.72 1.64 -7.62
N VAL A 433 3.65 2.42 -7.59
CA VAL A 433 3.61 3.68 -8.33
C VAL A 433 3.68 4.84 -7.33
N LYS A 434 4.88 5.45 -7.23
CA LYS A 434 5.19 6.46 -6.20
C LYS A 434 5.71 7.78 -6.75
N ASN A 435 6.45 7.73 -7.84
CA ASN A 435 7.19 8.90 -8.34
C ASN A 435 6.62 9.56 -9.61
N SER A 436 6.70 10.86 -9.68
CA SER A 436 6.38 11.56 -10.92
C SER A 436 7.44 11.22 -11.97
N LEU A 437 7.14 11.51 -13.25
CA LEU A 437 8.08 11.25 -14.33
C LEU A 437 9.37 12.04 -14.17
N GLU A 438 9.25 13.27 -13.67
CA GLU A 438 10.43 14.08 -13.46
C GLU A 438 11.30 13.55 -12.30
N GLU A 439 10.70 13.11 -11.20
CA GLU A 439 11.51 12.47 -10.16
C GLU A 439 12.12 11.21 -10.74
N ALA A 440 11.32 10.43 -11.45
CA ALA A 440 11.78 9.16 -11.98
C ALA A 440 12.99 9.36 -12.89
N ALA A 441 12.93 10.37 -13.75
CA ALA A 441 14.04 10.67 -14.64
C ALA A 441 15.27 11.02 -13.80
N GLY A 442 15.04 11.73 -12.69
CA GLY A 442 16.12 12.14 -11.80
C GLY A 442 16.68 10.93 -11.09
N LEU A 443 15.79 10.04 -10.64
CA LEU A 443 16.19 8.81 -10.00
C LEU A 443 17.03 7.95 -10.95
N VAL A 444 16.47 7.66 -12.13
CA VAL A 444 17.15 6.84 -13.12
C VAL A 444 18.49 7.43 -13.55
N ALA A 445 18.57 8.75 -13.63
CA ALA A 445 19.81 9.42 -14.01
C ALA A 445 20.94 9.13 -13.01
N GLN A 446 20.56 8.78 -11.78
CA GLN A 446 21.52 8.37 -10.76
C GLN A 446 21.51 6.86 -10.58
N GLY A 447 20.95 6.15 -11.55
CA GLY A 447 20.91 4.71 -11.52
C GLY A 447 19.97 4.09 -10.49
N ASN A 448 18.91 4.82 -10.14
CA ASN A 448 17.99 4.35 -9.12
C ASN A 448 16.67 3.80 -9.71
N GLY A 449 15.81 3.25 -8.85
CA GLY A 449 14.52 2.74 -9.29
C GLY A 449 13.55 3.87 -9.62
N ALA A 450 12.83 3.74 -10.73
CA ALA A 450 11.96 4.82 -11.16
C ALA A 450 10.64 4.80 -10.37
N TYR A 451 10.09 3.62 -10.18
CA TYR A 451 8.80 3.47 -9.49
C TYR A 451 7.78 4.55 -9.89
N CYS A 452 7.62 4.75 -11.20
CA CYS A 452 6.68 5.76 -11.70
C CYS A 452 5.52 5.01 -12.39
N ALA A 453 4.54 5.74 -12.89
CA ALA A 453 3.39 5.09 -13.54
C ALA A 453 3.75 4.24 -14.78
N ALA A 454 4.75 4.69 -15.55
CA ALA A 454 5.18 4.00 -16.77
C ALA A 454 5.77 2.62 -16.46
N THR A 455 6.65 2.58 -15.46
CA THR A 455 7.30 1.33 -15.08
C THR A 455 6.36 0.43 -14.31
N GLY A 456 5.43 1.02 -13.55
CA GLY A 456 4.35 0.26 -12.93
C GLY A 456 3.48 -0.47 -13.97
N GLU A 457 3.04 0.24 -15.01
CA GLU A 457 2.20 -0.42 -16.03
C GLU A 457 3.02 -1.45 -16.82
N ALA A 458 4.23 -1.07 -17.19
CA ALA A 458 5.09 -1.99 -17.94
C ALA A 458 5.39 -3.25 -17.10
N ALA A 459 5.62 -3.08 -15.79
CA ALA A 459 5.95 -4.23 -14.94
C ALA A 459 4.76 -5.18 -14.86
N PHE A 460 3.56 -4.61 -14.83
CA PHE A 460 2.35 -5.43 -14.79
C PHE A 460 2.24 -6.32 -16.02
N TYR A 461 2.39 -5.74 -17.21
CA TYR A 461 2.32 -6.56 -18.42
C TYR A 461 3.41 -7.62 -18.41
N GLU A 462 4.64 -7.24 -18.06
CA GLU A 462 5.74 -8.23 -18.05
C GLU A 462 5.48 -9.36 -17.04
N LEU A 463 4.94 -9.01 -15.88
CA LEU A 463 4.56 -10.02 -14.87
C LEU A 463 3.62 -11.09 -15.43
N GLN A 464 2.55 -10.67 -16.11
CA GLN A 464 1.64 -11.65 -16.73
C GLN A 464 2.40 -12.56 -17.67
N ARG A 465 3.29 -11.98 -18.47
CA ARG A 465 4.03 -12.74 -19.46
C ARG A 465 4.96 -13.77 -18.81
N ARG A 466 5.61 -13.38 -17.72
CA ARG A 466 6.51 -14.29 -17.00
C ARG A 466 5.74 -15.46 -16.38
N ARG A 467 4.57 -15.16 -15.82
CA ARG A 467 3.72 -16.18 -15.23
C ARG A 467 3.23 -17.14 -16.31
N LEU A 468 2.80 -16.61 -17.43
CA LEU A 468 2.23 -17.44 -18.48
C LEU A 468 3.31 -18.30 -19.11
N LYS A 469 4.51 -17.75 -19.30
CA LYS A 469 5.58 -18.59 -19.83
C LYS A 469 5.93 -19.71 -18.85
N ALA A 470 5.74 -19.46 -17.54
CA ALA A 470 6.09 -20.44 -16.53
C ALA A 470 5.25 -21.72 -16.68
N ILE A 471 4.09 -21.62 -17.31
CA ILE A 471 3.26 -22.80 -17.52
C ILE A 471 3.38 -23.29 -18.96
N GLY A 472 4.34 -22.74 -19.70
CA GLY A 472 4.61 -23.23 -21.04
C GLY A 472 4.05 -22.43 -22.21
N LEU A 473 3.47 -21.26 -21.98
CA LEU A 473 3.01 -20.47 -23.12
C LEU A 473 4.24 -19.98 -23.89
N PRO A 474 4.33 -20.31 -25.19
CA PRO A 474 5.52 -19.90 -25.94
C PRO A 474 5.46 -18.43 -26.38
N LEU A 475 5.74 -17.50 -25.48
CA LEU A 475 5.81 -16.10 -25.85
C LEU A 475 7.22 -15.70 -26.25
N PHE A 476 7.39 -15.25 -27.49
CA PHE A 476 8.67 -14.70 -27.89
C PHE A 476 8.51 -13.20 -28.11
N TYR A 477 9.35 -12.41 -27.47
CA TYR A 477 9.23 -10.96 -27.63
C TYR A 477 10.51 -10.26 -27.26
N SER A 478 10.70 -9.11 -27.90
CA SER A 478 11.90 -8.32 -27.79
C SER A 478 11.96 -7.73 -26.39
N SER A 479 13.16 -7.52 -25.87
CA SER A 479 13.27 -6.80 -24.61
C SER A 479 13.45 -5.27 -24.81
N GLN A 480 13.57 -4.83 -26.07
CA GLN A 480 13.80 -3.40 -26.31
C GLN A 480 12.60 -2.53 -25.90
N PRO A 481 12.86 -1.30 -25.41
CA PRO A 481 11.70 -0.46 -25.10
C PRO A 481 10.96 -0.06 -26.37
N GLU A 482 9.66 0.23 -26.28
CA GLU A 482 8.89 0.61 -27.46
C GLU A 482 8.52 2.08 -27.44
N VAL A 483 8.68 2.72 -26.29
CA VAL A 483 8.35 4.12 -26.19
C VAL A 483 9.31 4.73 -25.19
N THR A 484 9.73 5.97 -25.40
CA THR A 484 10.59 6.56 -24.39
C THR A 484 9.85 7.68 -23.63
N VAL A 485 10.06 7.74 -22.31
CA VAL A 485 9.30 8.69 -21.51
C VAL A 485 10.20 9.68 -20.77
N ALA A 486 9.62 10.78 -20.35
CA ALA A 486 10.37 11.77 -19.59
C ALA A 486 11.53 12.32 -20.42
N LYS A 487 11.20 13.01 -21.51
CA LYS A 487 12.22 13.65 -22.39
C LYS A 487 13.42 12.77 -22.71
N ASP A 488 13.16 11.58 -23.23
CA ASP A 488 14.21 10.65 -23.61
C ASP A 488 15.09 10.17 -22.43
N ALA A 489 14.54 10.16 -21.23
CA ALA A 489 15.32 9.72 -20.08
C ALA A 489 15.49 8.19 -20.06
N PHE A 490 14.37 7.48 -20.24
CA PHE A 490 14.40 6.04 -20.30
C PHE A 490 13.19 5.57 -21.09
N GLY A 491 13.23 4.33 -21.56
CA GLY A 491 12.11 3.73 -22.25
C GLY A 491 11.48 2.57 -21.51
N VAL A 492 10.24 2.24 -21.84
CA VAL A 492 9.65 1.00 -21.38
C VAL A 492 9.07 0.26 -22.57
N ARG A 493 8.74 -1.01 -22.39
CA ARG A 493 7.95 -1.68 -23.39
C ARG A 493 6.67 -2.20 -22.76
N LEU A 494 5.65 -2.39 -23.58
CA LEU A 494 4.35 -2.80 -23.08
C LEU A 494 3.90 -4.15 -23.65
N PHE A 495 4.15 -4.37 -24.94
CA PHE A 495 3.63 -5.52 -25.69
C PHE A 495 4.53 -6.76 -25.59
N PRO A 496 3.95 -7.97 -25.72
CA PRO A 496 2.51 -8.16 -25.92
C PRO A 496 1.72 -7.97 -24.62
N ILE A 497 0.50 -7.45 -24.75
CA ILE A 497 -0.37 -7.16 -23.61
C ILE A 497 -1.33 -8.31 -23.44
N ILE A 498 -1.26 -8.96 -22.27
CA ILE A 498 -2.18 -10.05 -21.97
C ILE A 498 -2.78 -9.85 -20.61
N VAL A 499 -4.08 -9.58 -20.57
CA VAL A 499 -4.70 -9.33 -19.28
C VAL A 499 -5.93 -10.22 -19.09
N LEU A 500 -5.88 -11.09 -18.10
CA LEU A 500 -6.98 -12.03 -17.82
C LEU A 500 -7.72 -11.58 -16.56
N ASP A 501 -9.04 -11.48 -16.60
CA ASP A 501 -9.74 -10.96 -15.43
C ASP A 501 -9.84 -12.04 -14.32
N THR A 502 -10.42 -11.70 -13.17
CA THR A 502 -10.41 -12.65 -12.05
C THR A 502 -11.35 -13.83 -12.29
N VAL A 503 -12.38 -13.65 -13.10
CA VAL A 503 -13.24 -14.79 -13.37
C VAL A 503 -12.44 -15.79 -14.22
N CYS A 504 -11.70 -15.27 -15.19
CA CYS A 504 -10.89 -16.08 -16.07
C CYS A 504 -9.75 -16.77 -15.33
N ALA A 505 -8.97 -16.00 -14.58
CA ALA A 505 -7.70 -16.45 -14.02
C ALA A 505 -7.82 -16.89 -12.57
N SER A 506 -9.01 -16.74 -12.01
CA SER A 506 -9.24 -17.10 -10.63
C SER A 506 -8.17 -16.44 -9.73
N SER A 507 -7.44 -17.22 -8.95
CA SER A 507 -6.48 -16.63 -8.00
C SER A 507 -5.19 -16.13 -8.65
N GLY A 508 -4.93 -16.57 -9.88
CA GLY A 508 -3.72 -16.20 -10.59
C GLY A 508 -2.57 -17.14 -10.28
N SER A 509 -2.83 -18.20 -9.51
CA SER A 509 -1.77 -19.20 -9.28
C SER A 509 -1.41 -19.83 -10.63
N LEU A 510 -0.27 -20.51 -10.69
CA LEU A 510 0.16 -21.14 -11.93
C LEU A 510 -0.83 -22.27 -12.34
N ASP A 511 -1.35 -22.98 -11.35
CA ASP A 511 -2.34 -24.01 -11.65
C ASP A 511 -3.58 -23.38 -12.26
N ASP A 512 -4.03 -22.26 -11.68
CA ASP A 512 -5.16 -21.52 -12.25
C ASP A 512 -4.93 -21.01 -13.67
N LEU A 513 -3.71 -20.60 -13.98
CA LEU A 513 -3.41 -20.09 -15.32
C LEU A 513 -3.38 -21.23 -16.32
N ALA A 514 -2.87 -22.37 -15.87
CA ALA A 514 -2.85 -23.59 -16.68
C ALA A 514 -4.27 -24.05 -17.03
N ARG A 515 -5.26 -23.69 -16.20
CA ARG A 515 -6.64 -24.08 -16.52
C ARG A 515 -7.13 -23.28 -17.72
N VAL A 516 -6.65 -22.04 -17.84
CA VAL A 516 -7.00 -21.21 -18.99
C VAL A 516 -6.29 -21.68 -20.28
N PHE A 517 -5.06 -22.14 -20.14
CA PHE A 517 -4.34 -22.62 -21.31
C PHE A 517 -3.91 -24.07 -21.11
N PRO A 518 -4.85 -25.02 -21.32
CA PRO A 518 -4.65 -26.46 -21.09
C PRO A 518 -3.61 -27.08 -22.02
N THR A 519 -3.48 -26.56 -23.24
CA THR A 519 -2.47 -27.01 -24.19
C THR A 519 -1.70 -25.78 -24.73
N PRO A 520 -0.86 -25.19 -23.87
CA PRO A 520 -0.30 -23.87 -24.18
C PRO A 520 0.60 -23.85 -25.42
N GLU A 521 1.19 -24.99 -25.79
CA GLU A 521 2.00 -25.07 -27.01
C GLU A 521 1.23 -24.79 -28.30
N LYS A 522 -0.10 -24.69 -28.23
CA LYS A 522 -0.90 -24.40 -29.43
C LYS A 522 -1.39 -22.95 -29.46
N VAL A 523 -0.88 -22.13 -28.54
CA VAL A 523 -1.31 -20.75 -28.44
C VAL A 523 -0.14 -19.83 -28.81
N HIS A 524 -0.30 -19.12 -29.93
CA HIS A 524 0.79 -18.35 -30.52
C HIS A 524 0.42 -16.88 -30.58
N ILE A 525 0.89 -16.15 -29.59
CA ILE A 525 0.56 -14.74 -29.46
C ILE A 525 1.81 -13.95 -29.88
N ASP A 526 1.69 -13.26 -30.98
CA ASP A 526 2.80 -12.44 -31.48
C ASP A 526 3.18 -11.29 -30.53
N GLN A 527 4.45 -10.88 -30.57
CA GLN A 527 4.96 -9.87 -29.66
C GLN A 527 4.22 -8.52 -29.69
N HIS A 528 3.44 -8.27 -30.75
CA HIS A 528 2.77 -6.96 -30.90
C HIS A 528 1.29 -7.02 -30.58
N SER A 529 0.84 -8.19 -30.17
CA SER A 529 -0.58 -8.45 -29.92
C SER A 529 -1.10 -8.01 -28.58
N THR A 530 -2.43 -7.91 -28.51
CA THR A 530 -3.15 -7.66 -27.29
C THR A 530 -4.21 -8.75 -27.09
N LEU A 531 -4.20 -9.38 -25.94
CA LEU A 531 -5.19 -10.42 -25.64
C LEU A 531 -5.86 -10.06 -24.32
N ILE A 532 -7.16 -9.73 -24.37
N ILE A 532 -7.15 -9.72 -24.38
CA ILE A 532 -7.92 -9.39 -23.18
CA ILE A 532 -7.92 -9.38 -23.19
C ILE A 532 -8.98 -10.45 -22.96
C ILE A 532 -8.96 -10.48 -22.98
N VAL A 533 -8.97 -11.07 -21.78
CA VAL A 533 -9.88 -12.17 -21.53
C VAL A 533 -10.72 -11.94 -20.29
N GLU A 534 -12.04 -12.00 -20.46
CA GLU A 534 -12.98 -11.75 -19.37
C GLU A 534 -13.94 -12.92 -19.21
N GLY A 535 -14.20 -13.31 -17.97
CA GLY A 535 -15.16 -14.36 -17.70
C GLY A 535 -14.59 -15.76 -17.85
N ARG A 536 -15.50 -16.75 -17.88
CA ARG A 536 -15.15 -18.15 -17.96
C ARG A 536 -14.72 -18.56 -19.34
N VAL A 537 -13.41 -18.58 -19.54
CA VAL A 537 -12.82 -18.88 -20.83
C VAL A 537 -11.67 -19.88 -20.74
N ILE A 538 -11.64 -20.81 -21.66
CA ILE A 538 -10.52 -21.70 -21.83
C ILE A 538 -10.03 -21.47 -23.26
N ILE A 539 -8.72 -21.25 -23.41
CA ILE A 539 -8.14 -21.12 -24.74
C ILE A 539 -7.23 -22.31 -25.02
N GLU A 540 -7.71 -23.20 -25.88
CA GLU A 540 -6.96 -24.40 -26.26
C GLU A 540 -5.94 -24.11 -27.36
N SER A 541 -6.35 -23.32 -28.34
CA SER A 541 -5.50 -23.09 -29.50
C SER A 541 -5.90 -21.80 -30.17
N LEU A 542 -4.88 -21.00 -30.50
CA LEU A 542 -5.07 -19.63 -30.96
C LEU A 542 -3.81 -19.16 -31.67
N GLU A 543 -4.00 -18.55 -32.84
CA GLU A 543 -2.96 -17.78 -33.50
C GLU A 543 -3.44 -16.34 -33.47
N LEU A 544 -2.68 -15.47 -32.82
CA LEU A 544 -3.10 -14.07 -32.62
C LEU A 544 -2.07 -13.08 -33.10
N TYR A 545 -2.42 -12.33 -34.15
CA TYR A 545 -1.59 -11.24 -34.68
C TYR A 545 -2.41 -9.96 -34.74
N GLY A 546 -2.55 -9.28 -33.62
CA GLY A 546 -3.48 -8.17 -33.55
C GLY A 546 -4.08 -8.15 -32.15
N ALA A 547 -5.24 -7.50 -32.00
CA ALA A 547 -5.90 -7.43 -30.70
C ALA A 547 -7.19 -8.20 -30.72
N LEU A 548 -7.47 -8.82 -29.57
CA LEU A 548 -8.58 -9.73 -29.41
C LEU A 548 -9.11 -9.65 -27.96
N THR A 549 -10.42 -9.49 -27.85
CA THR A 549 -11.06 -9.63 -26.56
C THR A 549 -11.92 -10.90 -26.64
N ILE A 550 -11.81 -11.75 -25.63
CA ILE A 550 -12.64 -12.94 -25.55
C ILE A 550 -13.46 -12.84 -24.27
N ARG A 551 -14.78 -12.91 -24.38
CA ARG A 551 -15.65 -12.87 -23.21
C ARG A 551 -16.40 -14.18 -23.02
N GLY A 552 -16.45 -14.65 -21.78
CA GLY A 552 -17.22 -15.84 -21.43
C GLY A 552 -18.18 -15.49 -20.31
N PRO A 553 -18.93 -16.48 -19.80
CA PRO A 553 -19.89 -16.29 -18.69
C PRO A 553 -19.27 -15.60 -17.49
N THR A 554 -19.89 -14.51 -16.99
CA THR A 554 -19.36 -13.79 -15.83
C THR A 554 -19.49 -14.63 -14.58
N ASP A 555 -20.43 -15.55 -14.59
CA ASP A 555 -20.63 -16.49 -13.50
C ASP A 555 -19.48 -17.49 -13.48
N SER A 556 -18.67 -17.44 -12.43
CA SER A 556 -17.52 -18.33 -12.28
C SER A 556 -17.91 -19.82 -12.38
N MET A 557 -19.16 -20.13 -12.04
CA MET A 557 -19.64 -21.51 -11.99
C MET A 557 -20.36 -21.95 -13.26
N ALA A 558 -20.16 -21.22 -14.35
CA ALA A 558 -20.84 -21.53 -15.60
C ALA A 558 -19.97 -22.38 -16.56
N LEU A 559 -20.61 -22.96 -17.58
CA LEU A 559 -19.90 -23.71 -18.60
C LEU A 559 -18.98 -22.78 -19.39
N PRO A 560 -17.67 -23.02 -19.33
CA PRO A 560 -16.68 -22.11 -19.93
C PRO A 560 -16.82 -22.01 -21.45
N HIS A 561 -16.64 -20.81 -21.99
CA HIS A 561 -16.52 -20.61 -23.42
C HIS A 561 -15.14 -21.08 -23.86
N VAL A 562 -15.08 -22.07 -24.76
CA VAL A 562 -13.82 -22.68 -25.15
C VAL A 562 -13.38 -22.23 -26.53
N VAL A 563 -12.14 -21.77 -26.65
CA VAL A 563 -11.58 -21.34 -27.92
C VAL A 563 -10.62 -22.35 -28.50
N ARG A 564 -10.94 -22.90 -29.68
CA ARG A 564 -10.06 -23.82 -30.38
C ARG A 564 -9.85 -23.39 -31.83
N ASN A 565 -8.65 -23.62 -32.33
CA ASN A 565 -8.32 -23.32 -33.72
C ASN A 565 -8.72 -21.92 -34.16
N ALA A 566 -8.56 -20.95 -33.28
CA ALA A 566 -8.83 -19.55 -33.61
C ALA A 566 -7.64 -18.94 -34.31
N VAL A 567 -7.92 -18.13 -35.32
CA VAL A 567 -6.88 -17.40 -36.02
C VAL A 567 -7.37 -15.97 -36.16
N VAL A 568 -6.65 -15.06 -35.55
CA VAL A 568 -7.07 -13.67 -35.50
C VAL A 568 -5.92 -12.78 -35.97
N ARG A 569 -6.22 -11.93 -36.94
CA ARG A 569 -5.24 -10.99 -37.46
C ARG A 569 -5.96 -9.68 -37.71
N ASN A 570 -5.42 -8.60 -37.13
CA ASN A 570 -5.94 -7.28 -37.42
C ASN A 570 -4.83 -6.25 -37.13
N ALA A 571 -5.14 -4.95 -37.25
CA ALA A 571 -4.14 -3.89 -37.01
C ALA A 571 -3.67 -3.83 -35.56
N GLY A 572 -4.50 -4.33 -34.66
CA GLY A 572 -4.14 -4.33 -33.24
C GLY A 572 -3.99 -2.94 -32.65
N TRP A 573 -3.16 -2.86 -31.61
CA TRP A 573 -2.93 -1.62 -30.88
C TRP A 573 -1.51 -1.17 -31.06
N SER A 574 -1.24 0.08 -30.69
CA SER A 574 0.12 0.60 -30.71
C SER A 574 0.32 1.53 -29.51
N VAL A 575 1.54 1.98 -29.30
CA VAL A 575 1.81 2.95 -28.23
C VAL A 575 2.77 4.02 -28.75
N HIS A 576 2.53 5.26 -28.37
CA HIS A 576 3.47 6.31 -28.72
C HIS A 576 3.54 7.32 -27.57
N ALA A 577 4.64 8.08 -27.58
CA ALA A 577 4.99 8.98 -26.51
C ALA A 577 4.13 10.23 -26.59
N ILE A 578 3.84 10.82 -25.44
CA ILE A 578 3.16 12.09 -25.46
C ILE A 578 4.22 13.13 -25.78
N LEU A 579 4.03 13.84 -26.89
CA LEU A 579 5.04 14.76 -27.39
C LEU A 579 5.12 16.04 -26.54
N SER A 580 6.34 16.56 -26.41
CA SER A 580 6.59 17.80 -25.66
C SER A 580 5.67 18.96 -26.06
N LEU A 581 5.23 18.97 -27.31
CA LEU A 581 4.30 20.00 -27.78
C LEU A 581 3.08 20.08 -26.86
N ASP A 586 -9.71 20.66 -27.39
CA ASP A 586 -9.94 19.38 -28.06
C ASP A 586 -8.83 18.39 -27.71
N SER A 587 -8.25 18.57 -26.53
CA SER A 587 -7.25 17.63 -26.01
C SER A 587 -7.93 16.55 -25.17
N ARG A 588 -7.60 15.30 -25.45
CA ARG A 588 -8.19 14.21 -24.70
C ARG A 588 -7.19 13.60 -23.70
N LEU A 589 -6.02 14.23 -23.56
CA LEU A 589 -5.02 13.76 -22.60
C LEU A 589 -5.39 14.11 -21.16
N SER A 590 -5.48 13.09 -20.32
CA SER A 590 -5.80 13.26 -18.93
C SER A 590 -4.50 13.18 -18.15
N GLU A 591 -4.55 13.53 -16.87
CA GLU A 591 -3.43 13.33 -15.96
C GLU A 591 -2.97 11.91 -15.98
N VAL A 592 -3.93 10.99 -16.05
CA VAL A 592 -3.59 9.55 -16.15
C VAL A 592 -2.63 9.24 -17.30
N ASP A 593 -2.89 9.80 -18.48
CA ASP A 593 -1.96 9.66 -19.60
C ASP A 593 -0.66 10.39 -19.27
N ARG A 594 -0.77 11.65 -18.88
CA ARG A 594 0.42 12.46 -18.65
C ARG A 594 1.44 11.90 -17.64
N ILE A 595 0.99 11.22 -16.58
CA ILE A 595 1.95 10.78 -15.57
C ILE A 595 2.72 9.55 -16.01
N ARG A 596 2.27 8.91 -17.09
CA ARG A 596 3.04 7.80 -17.67
C ARG A 596 3.81 8.19 -18.93
N GLY A 597 3.41 9.28 -19.58
CA GLY A 597 4.19 9.80 -20.71
C GLY A 597 3.95 9.10 -22.04
N PHE A 598 2.92 8.26 -22.10
CA PHE A 598 2.59 7.61 -23.37
C PHE A 598 1.09 7.35 -23.41
N VAL A 599 0.58 7.04 -24.60
CA VAL A 599 -0.81 6.64 -24.71
C VAL A 599 -0.90 5.40 -25.60
N LEU A 600 -1.73 4.44 -25.19
CA LEU A 600 -2.10 3.34 -26.07
C LEU A 600 -3.09 3.81 -27.13
N LYS A 601 -2.85 3.42 -28.38
CA LYS A 601 -3.82 3.64 -29.44
C LYS A 601 -4.50 2.33 -29.71
N LYS A 602 -5.81 2.29 -29.46
CA LYS A 602 -6.57 1.06 -29.46
C LYS A 602 -7.29 0.96 -30.80
N THR A 603 -6.48 0.82 -31.85
CA THR A 603 -6.93 0.99 -33.24
C THR A 603 -7.96 -0.05 -33.70
N ALA A 604 -7.69 -1.32 -33.47
CA ALA A 604 -8.59 -2.37 -33.93
C ALA A 604 -8.75 -3.43 -32.86
N MET A 605 -9.85 -4.16 -32.91
CA MET A 605 -10.07 -5.15 -31.89
C MET A 605 -11.11 -6.15 -32.34
N ALA A 606 -10.71 -7.42 -32.43
CA ALA A 606 -11.69 -8.45 -32.64
C ALA A 606 -12.32 -8.78 -31.30
N VAL A 607 -13.59 -9.17 -31.33
CA VAL A 607 -14.26 -9.63 -30.12
C VAL A 607 -14.90 -11.01 -30.34
N MET A 608 -14.58 -11.95 -29.46
CA MET A 608 -15.25 -13.24 -29.43
C MET A 608 -16.04 -13.36 -28.13
N ASP A 609 -17.37 -13.35 -28.26
CA ASP A 609 -18.29 -13.40 -27.13
C ASP A 609 -18.98 -14.77 -27.04
N CYS A 610 -19.70 -15.01 -25.94
CA CYS A 610 -20.54 -16.21 -25.71
C CYS A 610 -20.24 -16.90 -24.37
N1 GDU B . -1.16 5.86 4.24
C2 GDU B . -2.30 6.00 5.10
N3 GDU B . -2.40 7.03 6.06
C4 GDU B . -1.38 7.88 6.13
C5 GDU B . -0.21 7.82 5.31
C6 GDU B . -0.14 6.81 4.39
O2 GDU B . -3.17 5.14 4.93
O4 GDU B . -1.55 8.86 7.05
C1D GDU B . -1.00 4.75 3.26
C2D GDU B . -0.84 5.16 1.75
O2D GDU B . -2.07 5.47 1.21
C3D GDU B . -0.13 3.88 1.18
C4D GDU B . 0.81 3.66 2.40
O4D GDU B . 0.06 3.86 3.59
O3D GDU B . -1.00 2.85 0.80
C5D GDU B . 1.76 4.90 2.52
O5D GDU B . 3.04 4.51 2.28
PA GDU B . 3.91 5.52 1.34
O1A GDU B . 3.71 4.97 -0.10
O2A GDU B . 3.52 6.97 1.45
O3A GDU B . 5.39 5.27 1.69
PB GDU B . 6.07 5.12 3.13
O1B GDU B . 7.25 6.09 2.81
O2B GDU B . 5.01 5.51 4.10
O3B GDU B . 6.74 3.70 3.33
C1' GDU B . 6.17 2.44 3.51
C2' GDU B . 7.02 1.73 4.61
C3' GDU B . 8.43 1.40 4.06
C4' GDU B . 8.28 0.57 2.74
C5' GDU B . 7.36 1.24 1.69
C6' GDU B . 7.07 0.29 0.47
O2' GDU B . 7.08 2.59 5.70
O3' GDU B . 9.25 0.72 4.96
O4' GDU B . 7.64 -0.63 3.13
O5' GDU B . 6.17 1.80 2.24
O6' GDU B . 6.35 1.02 -0.49
C1 GOL C . -6.05 4.58 -35.11
O1 GOL C . -6.15 5.13 -33.82
C2 GOL C . -4.92 5.29 -35.83
O2 GOL C . -4.24 6.01 -34.81
C3 GOL C . -3.98 4.28 -36.49
O3 GOL C . -3.24 4.91 -37.52
#